data_2PQU
#
_entry.id   2PQU
#
_cell.length_a   92.228
_cell.length_b   58.606
_cell.length_c   71.738
_cell.angle_alpha   90.00
_cell.angle_beta   90.00
_cell.angle_gamma   90.00
#
_symmetry.space_group_name_H-M   'P 21 21 2'
#
loop_
_entity.id
_entity.type
_entity.pdbx_description
1 polymer '12-mer C-rich strand of human telomeric DNA'
2 polymer 'Poly(rC)-binding protein 2'
3 water water
#
loop_
_entity_poly.entity_id
_entity_poly.type
_entity_poly.pdbx_seq_one_letter_code
_entity_poly.pdbx_strand_id
1 'polydeoxyribonucleotide' (DA)(DA)(DC)(DC)(DC)(DT)(DA)(DA)(DC)(DC)(DC)(DT) E,G
2 'polypeptide(L)'
;KNVTLTIRLL(MSE)HGKEVGSIIGKKGESVKK(MSE)REESGARINISEGNCPERIITLAGPTNAIFKAFA(MSE)IID
KLEED
;
A,B,C,D
#
loop_
_chem_comp.id
_chem_comp.type
_chem_comp.name
_chem_comp.formula
DA DNA linking 2'-DEOXYADENOSINE-5'-MONOPHOSPHATE 'C10 H14 N5 O6 P'
DC DNA linking 2'-DEOXYCYTIDINE-5'-MONOPHOSPHATE 'C9 H14 N3 O7 P'
DT DNA linking THYMIDINE-5'-MONOPHOSPHATE 'C10 H15 N2 O8 P'
#
# COMPACT_ATOMS: atom_id res chain seq x y z
N LYS C 1 -2.49 23.94 33.45
CA LYS C 1 -1.48 23.22 32.60
C LYS C 1 -1.90 21.75 32.40
N ASN C 2 -2.50 21.47 31.22
CA ASN C 2 -3.17 20.21 30.96
C ASN C 2 -2.21 19.08 31.13
N VAL C 3 -2.67 18.02 31.76
CA VAL C 3 -1.84 16.83 31.87
C VAL C 3 -2.19 15.82 30.74
N THR C 4 -3.31 16.03 30.06
CA THR C 4 -3.69 15.26 28.87
C THR C 4 -3.75 16.16 27.64
N LEU C 5 -3.25 15.63 26.54
CA LEU C 5 -3.20 16.31 25.24
C LEU C 5 -3.84 15.44 24.19
N THR C 6 -4.21 16.07 23.10
CA THR C 6 -4.59 15.41 21.86
C THR C 6 -3.76 16.07 20.75
N ILE C 7 -3.09 15.23 19.94
CA ILE C 7 -2.23 15.61 18.82
C ILE C 7 -2.86 14.92 17.60
N ARG C 8 -3.06 15.61 16.47
CA ARG C 8 -3.35 14.81 15.26
C ARG C 8 -2.24 14.87 14.25
N LEU C 9 -1.95 13.72 13.63
CA LEU C 9 -0.96 13.58 12.52
C LEU C 9 -1.64 13.20 11.22
N LEU C 10 -1.29 13.89 10.14
CA LEU C 10 -1.84 13.62 8.80
C LEU C 10 -0.89 12.69 8.08
N MSE C 11 -1.41 11.52 7.67
CA MSE C 11 -0.63 10.38 7.09
C MSE C 11 -1.22 9.81 5.78
O MSE C 11 -2.45 9.64 5.65
CB MSE C 11 -0.60 9.24 8.10
CG MSE C 11 0.07 9.59 9.42
SE MSE C 11 1.89 8.84 9.35
CE MSE C 11 1.32 7.00 8.99
N HIS C 12 -0.33 9.48 4.83
CA HIS C 12 -0.67 8.77 3.59
C HIS C 12 -1.03 7.31 3.95
N GLY C 13 -1.84 6.65 3.11
CA GLY C 13 -2.36 5.29 3.39
C GLY C 13 -1.35 4.13 3.48
N LYS C 14 -0.23 4.26 2.77
CA LYS C 14 0.84 3.25 2.82
C LYS C 14 1.55 3.31 4.17
N GLU C 15 1.67 4.52 4.71
CA GLU C 15 2.25 4.72 6.02
C GLU C 15 1.38 4.13 7.12
N VAL C 16 0.06 4.39 7.02
CA VAL C 16 -0.91 3.87 7.97
C VAL C 16 -0.87 2.36 7.93
N GLY C 17 -0.83 1.80 6.71
CA GLY C 17 -0.59 0.37 6.50
C GLY C 17 0.46 -0.26 7.39
N SER C 18 1.66 0.33 7.45
CA SER C 18 2.75 -0.20 8.31
C SER C 18 2.57 0.03 9.83
N ILE C 19 1.91 1.14 10.17
CA ILE C 19 1.55 1.48 11.55
C ILE C 19 0.51 0.51 12.18
N ILE C 20 -0.57 0.23 11.47
CA ILE C 20 -1.54 -0.79 11.88
C ILE C 20 -0.84 -2.14 11.95
N GLY C 21 -0.19 -2.56 10.85
CA GLY C 21 0.44 -3.87 10.73
C GLY C 21 -0.53 -5.00 10.33
N LYS C 22 0.00 -6.21 10.15
CA LYS C 22 -0.83 -7.34 9.78
C LYS C 22 -1.70 -7.78 10.98
N LYS C 23 -3.01 -7.90 10.74
CA LYS C 23 -4.04 -8.19 11.75
C LYS C 23 -4.02 -7.14 12.87
N GLY C 24 -3.65 -5.90 12.51
CA GLY C 24 -3.52 -4.79 13.43
C GLY C 24 -2.49 -4.98 14.55
N GLU C 25 -1.51 -5.87 14.36
CA GLU C 25 -0.61 -6.15 15.49
C GLU C 25 0.39 -5.09 15.91
N SER C 26 0.70 -4.13 15.04
CA SER C 26 1.67 -3.11 15.39
C SER C 26 0.97 -2.03 16.20
N VAL C 27 -0.19 -1.54 15.75
CA VAL C 27 -0.94 -0.56 16.54
C VAL C 27 -1.41 -1.16 17.90
N LYS C 28 -1.61 -2.47 18.00
CA LYS C 28 -1.96 -3.12 19.27
C LYS C 28 -0.84 -3.02 20.28
N LYS C 29 0.35 -3.40 19.87
CA LYS C 29 1.56 -3.16 20.66
C LYS C 29 1.84 -1.66 20.99
N MSE C 30 1.65 -0.73 20.04
CA MSE C 30 1.78 0.70 20.34
C MSE C 30 0.82 1.17 21.42
O MSE C 30 1.25 1.92 22.25
CB MSE C 30 1.53 1.60 19.14
CG MSE C 30 2.65 1.59 18.19
SE MSE C 30 2.23 2.77 16.69
CE MSE C 30 3.59 2.11 15.52
N ARG C 31 -0.46 0.79 21.32
CA ARG C 31 -1.45 1.05 22.35
C ARG C 31 -1.02 0.56 23.72
N GLU C 32 -0.67 -0.73 23.82
CA GLU C 32 -0.30 -1.40 25.07
C GLU C 32 0.89 -0.72 25.70
N GLU C 33 1.89 -0.47 24.84
CA GLU C 33 3.18 0.00 25.29
C GLU C 33 3.28 1.49 25.54
N SER C 34 2.56 2.30 24.75
CA SER C 34 2.65 3.75 24.98
C SER C 34 1.74 4.23 26.12
N GLY C 35 0.60 3.54 26.31
CA GLY C 35 -0.47 4.02 27.18
C GLY C 35 -1.32 5.15 26.60
N ALA C 36 -1.04 5.55 25.37
CA ALA C 36 -1.82 6.58 24.69
C ALA C 36 -3.03 5.92 24.06
N ARG C 37 -4.12 6.64 24.04
CA ARG C 37 -5.23 6.47 23.09
C ARG C 37 -4.80 6.81 21.64
N ILE C 38 -4.97 5.84 20.73
CA ILE C 38 -4.49 5.99 19.35
C ILE C 38 -5.72 5.73 18.49
N ASN C 39 -6.15 6.72 17.73
CA ASN C 39 -7.24 6.51 16.83
C ASN C 39 -6.77 6.70 15.40
N ILE C 40 -7.10 5.71 14.54
CA ILE C 40 -6.73 5.83 13.12
C ILE C 40 -8.01 5.97 12.27
N SER C 41 -8.10 7.06 11.53
CA SER C 41 -9.36 7.34 10.82
C SER C 41 -9.63 6.20 9.85
N GLU C 42 -10.91 5.86 9.69
CA GLU C 42 -11.29 4.54 9.23
C GLU C 42 -11.29 4.46 7.71
N GLY C 43 -11.03 3.26 7.18
CA GLY C 43 -11.58 2.86 5.89
C GLY C 43 -10.49 2.62 4.86
N ASN C 44 -10.53 3.39 3.77
CA ASN C 44 -9.81 3.03 2.55
C ASN C 44 -9.04 4.21 1.98
N CYS C 45 -9.03 5.33 2.71
CA CYS C 45 -8.62 6.60 2.15
C CYS C 45 -7.30 6.46 1.37
N PRO C 46 -6.83 7.57 0.81
CA PRO C 46 -5.40 7.79 0.63
C PRO C 46 -4.78 8.75 1.66
N GLU C 47 -5.63 9.50 2.38
CA GLU C 47 -5.23 10.63 3.25
C GLU C 47 -5.86 10.54 4.67
N ARG C 48 -5.18 9.93 5.63
CA ARG C 48 -5.77 9.56 6.90
C ARG C 48 -5.27 10.36 8.10
N ILE C 49 -6.06 10.38 9.18
CA ILE C 49 -5.68 11.12 10.41
C ILE C 49 -5.42 10.19 11.57
N ILE C 50 -4.26 10.34 12.20
CA ILE C 50 -3.93 9.61 13.44
C ILE C 50 -4.04 10.58 14.63
N THR C 51 -5.00 10.33 15.52
CA THR C 51 -5.12 11.05 16.79
C THR C 51 -4.42 10.26 17.90
N LEU C 52 -3.48 10.91 18.59
CA LEU C 52 -2.85 10.47 19.84
C LEU C 52 -3.39 11.34 20.99
N ALA C 53 -3.80 10.71 22.10
CA ALA C 53 -4.28 11.46 23.28
C ALA C 53 -3.89 10.75 24.54
N GLY C 54 -3.65 11.50 25.59
CA GLY C 54 -3.28 10.95 26.86
C GLY C 54 -2.24 11.83 27.46
N PRO C 55 -1.64 11.36 28.59
CA PRO C 55 -0.54 12.03 29.27
C PRO C 55 0.54 12.44 28.28
N THR C 56 1.23 13.56 28.46
CA THR C 56 2.30 13.91 27.51
C THR C 56 3.33 12.80 27.20
N ASN C 57 3.70 12.03 28.21
CA ASN C 57 4.71 11.03 28.05
C ASN C 57 4.21 9.85 27.20
N ALA C 58 2.94 9.52 27.40
CA ALA C 58 2.27 8.64 26.50
C ALA C 58 2.24 9.10 25.07
N ILE C 59 1.85 10.36 24.82
CA ILE C 59 1.93 10.92 23.47
C ILE C 59 3.32 10.71 22.83
N PHE C 60 4.36 11.19 23.53
CA PHE C 60 5.74 11.13 23.05
C PHE C 60 6.17 9.67 22.73
N LYS C 61 5.82 8.71 23.62
CA LYS C 61 6.11 7.29 23.39
C LYS C 61 5.43 6.76 22.13
N ALA C 62 4.16 7.04 21.98
CA ALA C 62 3.47 6.62 20.77
C ALA C 62 4.08 7.20 19.45
N PHE C 63 4.30 8.51 19.46
CA PHE C 63 4.95 9.24 18.41
C PHE C 63 6.34 8.65 18.04
N ALA C 64 7.17 8.30 19.01
CA ALA C 64 8.42 7.65 18.71
C ALA C 64 8.23 6.31 18.05
N MSE C 65 7.27 5.54 18.51
CA MSE C 65 6.98 4.29 17.89
C MSE C 65 6.49 4.49 16.50
O MSE C 65 6.85 3.74 15.65
CB MSE C 65 5.98 3.46 18.72
CG MSE C 65 6.58 3.08 20.12
SE MSE C 65 5.19 2.23 21.26
CE MSE C 65 5.50 0.50 20.33
N ILE C 66 5.66 5.51 16.23
CA ILE C 66 5.24 5.85 14.89
C ILE C 66 6.46 6.16 14.01
N ILE C 67 7.43 6.91 14.52
CA ILE C 67 8.56 7.37 13.74
C ILE C 67 9.41 6.14 13.46
N ASP C 68 9.59 5.31 14.49
CA ASP C 68 10.41 4.15 14.34
C ASP C 68 9.85 3.22 13.31
N LYS C 69 8.52 3.15 13.28
CA LYS C 69 7.82 2.41 12.24
C LYS C 69 8.09 2.96 10.86
N LEU C 70 7.85 4.27 10.68
CA LEU C 70 7.99 4.98 9.41
C LEU C 70 9.37 4.91 8.77
N GLU C 71 10.42 4.90 9.60
CA GLU C 71 11.77 4.72 9.09
C GLU C 71 12.20 3.22 9.02
N GLU C 72 11.38 2.40 8.35
CA GLU C 72 11.71 1.02 8.04
C GLU C 72 10.88 0.52 6.84
N VAL D 3 18.78 9.93 6.77
CA VAL D 3 17.34 9.79 6.36
C VAL D 3 16.50 10.93 6.98
N THR D 4 15.92 11.77 6.11
CA THR D 4 14.97 12.80 6.55
C THR D 4 13.54 12.28 6.46
N LEU D 5 12.78 12.55 7.53
CA LEU D 5 11.35 12.22 7.66
C LEU D 5 10.56 13.49 7.46
N THR D 6 9.32 13.38 6.99
CA THR D 6 8.42 14.52 6.97
C THR D 6 7.15 14.15 7.73
N ILE D 7 6.84 14.94 8.75
CA ILE D 7 5.74 14.67 9.63
C ILE D 7 4.80 15.82 9.47
N ARG D 8 3.52 15.55 9.24
CA ARG D 8 2.56 16.65 9.35
C ARG D 8 1.62 16.54 10.55
N LEU D 9 1.55 17.60 11.36
CA LEU D 9 0.54 17.70 12.40
C LEU D 9 -0.62 18.58 11.97
N LEU D 10 -1.83 18.22 12.39
CA LEU D 10 -2.98 19.11 12.27
C LEU D 10 -3.18 19.92 13.54
N MSE D 11 -3.38 21.22 13.39
CA MSE D 11 -3.47 22.13 14.52
C MSE D 11 -4.75 22.94 14.49
O MSE D 11 -5.34 23.15 13.42
CB MSE D 11 -2.26 23.05 14.56
CG MSE D 11 -0.92 22.33 14.42
SE MSE D 11 -0.50 21.06 16.33
CE MSE D 11 -1.39 22.64 17.80
N HIS D 12 -5.19 23.42 15.65
CA HIS D 12 -6.19 24.42 15.72
C HIS D 12 -5.51 25.80 15.75
N GLY D 13 -6.19 26.85 15.23
CA GLY D 13 -5.61 28.20 15.17
C GLY D 13 -5.14 28.87 16.47
N LYS D 14 -5.83 28.58 17.57
CA LYS D 14 -5.39 28.95 18.92
C LYS D 14 -4.07 28.29 19.38
N GLU D 15 -3.94 26.98 19.06
CA GLU D 15 -2.75 26.22 19.32
C GLU D 15 -1.66 26.80 18.49
N VAL D 16 -1.95 27.06 17.22
CA VAL D 16 -0.93 27.59 16.33
C VAL D 16 -0.32 28.91 16.79
N GLY D 17 -1.15 29.90 17.20
CA GLY D 17 -0.67 31.17 17.78
C GLY D 17 0.40 30.97 18.87
N SER D 18 0.19 30.05 19.79
CA SER D 18 1.17 29.91 20.86
C SER D 18 2.44 29.23 20.40
N ILE D 19 2.34 28.41 19.35
CA ILE D 19 3.51 27.86 18.69
C ILE D 19 4.37 28.87 17.94
N ILE D 20 3.73 29.79 17.21
CA ILE D 20 4.43 30.96 16.60
C ILE D 20 4.97 31.89 17.70
N GLY D 21 4.10 32.33 18.60
CA GLY D 21 4.44 33.29 19.63
C GLY D 21 4.45 34.74 19.14
N LYS D 22 4.62 35.67 20.07
CA LYS D 22 4.67 37.10 19.75
C LYS D 22 5.89 37.37 18.85
N LYS D 23 5.60 37.88 17.65
CA LYS D 23 6.56 38.20 16.60
C LYS D 23 7.23 36.96 16.05
N GLY D 24 6.59 35.79 16.19
CA GLY D 24 7.27 34.57 15.78
C GLY D 24 8.48 34.15 16.62
N GLU D 25 8.65 34.67 17.84
CA GLU D 25 9.84 34.34 18.65
C GLU D 25 9.89 32.91 19.15
N SER D 26 8.72 32.29 19.30
CA SER D 26 8.71 30.91 19.71
C SER D 26 9.08 29.96 18.59
N VAL D 27 8.45 30.11 17.43
CA VAL D 27 8.74 29.27 16.31
C VAL D 27 10.22 29.53 15.82
N LYS D 28 10.73 30.78 15.96
CA LYS D 28 12.16 31.09 15.78
C LYS D 28 13.07 30.22 16.63
N LYS D 29 12.82 30.22 17.93
CA LYS D 29 13.53 29.38 18.90
C LYS D 29 13.50 27.89 18.52
N MSE D 30 12.30 27.40 18.18
CA MSE D 30 12.15 26.05 17.73
C MSE D 30 12.95 25.75 16.48
O MSE D 30 13.60 24.72 16.43
CB MSE D 30 10.67 25.73 17.52
CG MSE D 30 9.91 25.58 18.81
SE MSE D 30 8.08 25.11 18.33
CE MSE D 30 8.55 24.14 16.72
N ARG D 31 12.93 26.64 15.47
CA ARG D 31 13.76 26.42 14.28
C ARG D 31 15.26 26.29 14.65
N GLU D 32 15.76 27.27 15.41
CA GLU D 32 17.16 27.26 15.83
C GLU D 32 17.58 26.02 16.66
N GLU D 33 16.78 25.67 17.64
CA GLU D 33 17.21 24.67 18.56
C GLU D 33 16.99 23.24 18.06
N SER D 34 15.93 23.03 17.27
CA SER D 34 15.63 21.66 16.77
C SER D 34 16.51 21.24 15.59
N GLY D 35 16.90 22.22 14.76
CA GLY D 35 17.49 21.96 13.43
C GLY D 35 16.48 21.32 12.48
N ALA D 36 15.19 21.19 12.85
CA ALA D 36 14.13 20.79 11.89
C ALA D 36 13.72 21.93 10.99
N ARG D 37 13.43 21.62 9.73
CA ARG D 37 12.66 22.56 8.93
C ARG D 37 11.21 22.51 9.39
N ILE D 38 10.70 23.66 9.81
CA ILE D 38 9.32 23.80 10.29
C ILE D 38 8.51 24.71 9.36
N ASN D 39 7.43 24.21 8.79
CA ASN D 39 6.53 25.04 8.04
C ASN D 39 5.17 25.09 8.73
N ILE D 40 4.63 26.29 8.90
CA ILE D 40 3.25 26.43 9.40
C ILE D 40 2.41 27.01 8.28
N SER D 41 1.39 26.26 7.88
CA SER D 41 0.56 26.63 6.74
C SER D 41 0.08 28.07 6.88
N GLU D 42 0.30 28.86 5.83
CA GLU D 42 -0.18 30.24 5.80
C GLU D 42 -1.70 30.30 5.85
N GLY D 43 -2.23 31.00 6.85
CA GLY D 43 -3.62 31.42 6.84
C GLY D 43 -4.14 31.71 8.23
N ASN D 44 -5.16 32.57 8.30
CA ASN D 44 -5.86 32.82 9.56
C ASN D 44 -6.95 31.76 9.71
N CYS D 45 -6.58 30.56 9.26
CA CYS D 45 -7.46 29.42 9.07
C CYS D 45 -7.78 28.61 10.35
N PRO D 46 -9.05 28.09 10.47
CA PRO D 46 -9.56 27.16 11.54
C PRO D 46 -8.89 25.76 11.68
N GLU D 47 -8.04 25.38 10.73
CA GLU D 47 -7.47 24.03 10.72
C GLU D 47 -6.20 24.13 9.94
N ARG D 48 -5.08 24.00 10.65
CA ARG D 48 -3.75 24.37 10.15
C ARG D 48 -2.75 23.20 10.08
N ILE D 49 -1.84 23.17 9.10
CA ILE D 49 -0.87 22.07 9.04
C ILE D 49 0.53 22.53 9.40
N ILE D 50 1.11 21.85 10.41
CA ILE D 50 2.53 21.96 10.74
C ILE D 50 3.35 20.83 10.18
N THR D 51 4.21 21.17 9.25
CA THR D 51 5.22 20.23 8.71
C THR D 51 6.55 20.34 9.43
N LEU D 52 7.06 19.20 9.88
CA LEU D 52 8.40 19.05 10.47
C LEU D 52 9.18 18.11 9.57
N ALA D 53 10.37 18.51 9.11
CA ALA D 53 11.22 17.69 8.26
C ALA D 53 12.67 17.73 8.74
N GLY D 54 13.37 16.60 8.68
CA GLY D 54 14.74 16.56 9.15
C GLY D 54 15.08 15.16 9.62
N PRO D 55 16.30 15.00 10.15
CA PRO D 55 16.74 13.75 10.78
C PRO D 55 15.89 13.46 12.04
N THR D 56 15.79 12.22 12.47
CA THR D 56 14.91 11.91 13.61
C THR D 56 15.12 12.77 14.90
N ASN D 57 16.38 13.04 15.25
CA ASN D 57 16.63 13.89 16.43
C ASN D 57 16.00 15.29 16.34
N ALA D 58 15.98 15.85 15.11
CA ALA D 58 15.40 17.15 14.84
C ALA D 58 13.91 17.11 14.95
N ILE D 59 13.27 16.16 14.27
CA ILE D 59 11.83 15.93 14.38
C ILE D 59 11.42 15.83 15.86
N PHE D 60 12.17 15.02 16.60
CA PHE D 60 11.90 14.72 18.03
C PHE D 60 11.99 15.98 18.91
N LYS D 61 13.05 16.79 18.72
CA LYS D 61 13.16 18.07 19.39
C LYS D 61 12.05 19.01 19.12
N ALA D 62 11.67 19.10 17.84
CA ALA D 62 10.62 19.99 17.40
C ALA D 62 9.29 19.53 17.96
N PHE D 63 8.98 18.23 17.86
CA PHE D 63 7.74 17.65 18.42
C PHE D 63 7.64 17.91 19.94
N ALA D 64 8.71 17.63 20.68
CA ALA D 64 8.78 17.80 22.14
C ALA D 64 8.49 19.25 22.55
N MSE D 65 9.01 20.21 21.76
CA MSE D 65 8.77 21.61 21.94
C MSE D 65 7.38 22.08 21.63
O MSE D 65 6.87 22.96 22.30
CB MSE D 65 9.76 22.46 21.13
CG MSE D 65 11.23 22.30 21.64
SE MSE D 65 12.63 23.12 20.43
CE MSE D 65 12.53 24.92 21.27
N ILE D 66 6.78 21.53 20.59
CA ILE D 66 5.39 21.77 20.29
C ILE D 66 4.47 21.25 21.41
N ILE D 67 4.70 20.04 21.89
CA ILE D 67 3.86 19.50 22.96
C ILE D 67 4.01 20.26 24.29
N ASP D 68 5.23 20.69 24.62
CA ASP D 68 5.43 21.63 25.74
C ASP D 68 4.62 22.95 25.60
N LYS D 69 4.51 23.48 24.38
CA LYS D 69 3.64 24.65 24.13
C LYS D 69 2.18 24.41 24.35
N LEU D 70 1.65 23.31 23.81
CA LEU D 70 0.29 22.88 24.01
C LEU D 70 -0.13 22.47 25.42
N GLU D 71 0.85 22.11 26.24
CA GLU D 71 0.52 21.80 27.57
C GLU D 71 0.46 23.11 28.39
N GLU D 72 1.15 24.12 27.87
CA GLU D 72 1.13 25.56 28.23
C GLU D 72 2.46 26.10 28.73
N VAL E 3 1.85 2.80 -19.38
CA VAL E 3 0.84 1.97 -18.63
C VAL E 3 1.50 0.87 -17.75
N THR E 4 1.03 0.80 -16.51
CA THR E 4 1.31 -0.29 -15.60
C THR E 4 -0.05 -0.97 -15.37
N LEU E 5 -0.20 -2.19 -15.86
CA LEU E 5 -1.40 -2.98 -15.62
C LEU E 5 -1.27 -3.78 -14.31
N THR E 6 -2.38 -4.24 -13.80
CA THR E 6 -2.31 -5.29 -12.81
C THR E 6 -3.20 -6.49 -13.13
N ILE E 7 -2.58 -7.67 -13.07
CA ILE E 7 -3.15 -8.93 -13.45
C ILE E 7 -3.22 -9.79 -12.20
N ARG E 8 -4.37 -10.39 -11.99
CA ARG E 8 -4.54 -11.35 -10.88
C ARG E 8 -4.69 -12.79 -11.36
N LEU E 9 -3.81 -13.68 -10.89
CA LEU E 9 -3.94 -15.13 -11.14
C LEU E 9 -4.51 -15.81 -9.91
N LEU E 10 -5.47 -16.68 -10.17
CA LEU E 10 -6.17 -17.43 -9.11
C LEU E 10 -5.51 -18.86 -9.09
N MSE E 11 -4.79 -19.19 -8.02
CA MSE E 11 -3.97 -20.40 -7.94
C MSE E 11 -4.48 -21.41 -6.91
O MSE E 11 -4.88 -21.01 -5.84
CB MSE E 11 -2.56 -20.02 -7.50
CG MSE E 11 -1.98 -18.94 -8.32
SE MSE E 11 -1.40 -19.72 -10.03
CE MSE E 11 -0.29 -21.14 -9.33
N HIS E 12 -4.45 -22.69 -7.21
CA HIS E 12 -4.65 -23.68 -6.11
C HIS E 12 -3.48 -23.58 -5.09
N GLY E 13 -3.76 -23.74 -3.82
CA GLY E 13 -2.69 -23.59 -2.81
C GLY E 13 -1.52 -24.55 -3.01
N LYS E 14 -1.80 -25.75 -3.50
CA LYS E 14 -0.77 -26.75 -3.84
C LYS E 14 0.21 -26.36 -4.95
N GLU E 15 -0.13 -25.37 -5.79
CA GLU E 15 0.79 -24.86 -6.83
C GLU E 15 1.74 -23.76 -6.35
N VAL E 16 1.32 -22.99 -5.33
CA VAL E 16 2.04 -21.82 -4.86
C VAL E 16 3.34 -22.19 -4.13
N GLY E 17 3.39 -23.35 -3.51
CA GLY E 17 4.53 -23.74 -2.70
C GLY E 17 5.72 -23.85 -3.65
N SER E 18 5.50 -24.51 -4.79
CA SER E 18 6.43 -24.61 -5.91
C SER E 18 6.92 -23.25 -6.35
N ILE E 19 5.98 -22.33 -6.50
CA ILE E 19 6.29 -20.99 -6.99
C ILE E 19 7.18 -20.16 -6.06
N ILE E 20 6.84 -20.15 -4.77
CA ILE E 20 7.65 -19.50 -3.74
C ILE E 20 9.03 -20.15 -3.56
N GLY E 21 9.07 -21.47 -3.43
CA GLY E 21 10.31 -22.23 -3.23
C GLY E 21 10.79 -22.27 -1.79
N LYS E 22 11.77 -23.12 -1.52
CA LYS E 22 12.35 -23.17 -0.20
C LYS E 22 12.91 -21.80 0.11
N LYS E 23 12.45 -21.25 1.24
CA LYS E 23 12.84 -19.91 1.75
C LYS E 23 12.46 -18.72 0.87
N GLY E 24 11.57 -18.95 -0.09
CA GLY E 24 11.26 -17.93 -1.08
C GLY E 24 12.27 -17.78 -2.22
N GLU E 25 13.08 -18.81 -2.47
CA GLU E 25 14.12 -18.77 -3.51
C GLU E 25 13.59 -18.75 -4.98
N SER E 26 12.55 -19.50 -5.32
CA SER E 26 12.06 -19.43 -6.73
C SER E 26 11.47 -18.04 -6.99
N VAL E 27 10.55 -17.60 -6.13
CA VAL E 27 9.85 -16.34 -6.38
C VAL E 27 10.76 -15.15 -6.42
N LYS E 28 11.82 -15.19 -5.61
CA LYS E 28 12.78 -14.12 -5.54
C LYS E 28 13.54 -13.94 -6.86
N LYS E 29 13.97 -15.06 -7.44
CA LYS E 29 14.53 -15.05 -8.80
C LYS E 29 13.50 -14.49 -9.80
N MSE E 30 12.23 -14.88 -9.66
CA MSE E 30 11.16 -14.36 -10.52
C MSE E 30 11.07 -12.86 -10.38
O MSE E 30 10.96 -12.19 -11.39
CB MSE E 30 9.81 -15.00 -10.23
CG MSE E 30 9.74 -16.42 -10.65
SE MSE E 30 7.96 -17.18 -10.38
CE MSE E 30 8.38 -19.05 -10.85
N ARG E 31 11.05 -12.36 -9.14
CA ARG E 31 11.06 -10.90 -8.90
C ARG E 31 12.30 -10.26 -9.50
N GLU E 32 13.51 -10.73 -9.13
CA GLU E 32 14.74 -10.12 -9.69
C GLU E 32 14.72 -10.08 -11.22
N GLU E 33 14.55 -11.26 -11.82
CA GLU E 33 14.63 -11.42 -13.26
C GLU E 33 13.54 -10.72 -14.06
N SER E 34 12.30 -10.77 -13.60
CA SER E 34 11.17 -10.17 -14.31
C SER E 34 11.09 -8.64 -14.18
N GLY E 35 11.41 -8.12 -12.99
CA GLY E 35 11.25 -6.69 -12.67
C GLY E 35 9.80 -6.30 -12.37
N ALA E 36 8.92 -7.33 -12.24
CA ALA E 36 7.49 -7.14 -11.98
C ALA E 36 7.28 -7.03 -10.47
N ARG E 37 6.26 -6.28 -10.07
CA ARG E 37 5.85 -6.36 -8.67
C ARG E 37 4.94 -7.57 -8.56
N ILE E 38 5.37 -8.51 -7.71
CA ILE E 38 4.64 -9.76 -7.55
C ILE E 38 4.22 -9.91 -6.11
N ASN E 39 2.91 -10.00 -5.88
CA ASN E 39 2.35 -10.29 -4.57
C ASN E 39 1.71 -11.63 -4.62
N ILE E 40 2.11 -12.51 -3.71
CA ILE E 40 1.33 -13.71 -3.39
C ILE E 40 0.51 -13.58 -2.12
N SER E 41 -0.80 -13.79 -2.23
CA SER E 41 -1.73 -13.71 -1.10
C SER E 41 -1.35 -14.60 0.12
N GLU E 42 -1.69 -14.09 1.29
CA GLU E 42 -1.37 -14.71 2.58
C GLU E 42 -1.99 -16.08 2.84
N GLY E 43 -1.17 -16.99 3.35
CA GLY E 43 -1.73 -18.13 4.06
C GLY E 43 -2.06 -19.28 3.15
N ASN E 44 -2.00 -20.50 3.73
CA ASN E 44 -2.07 -21.76 2.97
C ASN E 44 -3.52 -22.16 2.62
N CYS E 45 -4.13 -21.36 1.74
CA CYS E 45 -5.53 -21.49 1.37
C CYS E 45 -5.69 -22.40 0.19
N PRO E 46 -6.82 -23.13 0.12
CA PRO E 46 -7.10 -23.90 -1.08
C PRO E 46 -7.03 -23.06 -2.36
N GLU E 47 -7.39 -21.76 -2.26
CA GLU E 47 -7.29 -20.77 -3.37
C GLU E 47 -6.44 -19.53 -2.97
N ARG E 48 -5.40 -19.23 -3.74
CA ARG E 48 -4.50 -18.08 -3.51
C ARG E 48 -4.55 -17.17 -4.75
N ILE E 49 -4.21 -15.89 -4.59
CA ILE E 49 -4.16 -14.92 -5.70
C ILE E 49 -2.72 -14.48 -5.85
N ILE E 50 -2.19 -14.59 -7.06
CA ILE E 50 -0.89 -13.98 -7.36
C ILE E 50 -1.12 -12.76 -8.22
N THR E 51 -0.67 -11.61 -7.74
CA THR E 51 -0.86 -10.35 -8.45
C THR E 51 0.43 -9.91 -9.16
N LEU E 52 0.34 -9.62 -10.45
CA LEU E 52 1.47 -9.11 -11.26
C LEU E 52 1.19 -7.69 -11.70
N ALA E 53 2.11 -6.75 -11.44
CA ALA E 53 1.94 -5.36 -11.88
C ALA E 53 3.31 -4.84 -12.22
N GLY E 54 3.33 -3.75 -12.98
CA GLY E 54 4.54 -3.11 -13.45
C GLY E 54 4.40 -2.93 -14.95
N PRO E 55 5.53 -2.64 -15.65
CA PRO E 55 5.35 -2.56 -17.11
C PRO E 55 4.95 -3.91 -17.69
N THR E 56 4.26 -3.89 -18.81
CA THR E 56 3.82 -5.11 -19.50
C THR E 56 4.96 -6.10 -19.86
N ASN E 57 6.12 -5.57 -20.25
CA ASN E 57 7.36 -6.31 -20.49
C ASN E 57 7.64 -7.13 -19.27
N ALA E 58 7.63 -6.51 -18.10
CA ALA E 58 7.85 -7.20 -16.83
C ALA E 58 6.73 -8.23 -16.52
N ILE E 59 5.49 -7.87 -16.79
CA ILE E 59 4.37 -8.79 -16.56
C ILE E 59 4.46 -10.04 -17.39
N PHE E 60 4.84 -9.88 -18.66
CA PHE E 60 5.05 -11.03 -19.57
C PHE E 60 6.18 -11.90 -19.06
N LYS E 61 7.30 -11.32 -18.62
CA LYS E 61 8.41 -12.12 -18.03
C LYS E 61 8.00 -13.01 -16.83
N ALA E 62 7.38 -12.39 -15.82
CA ALA E 62 6.86 -13.03 -14.63
C ALA E 62 5.87 -14.15 -14.98
N PHE E 63 4.93 -13.87 -15.86
CA PHE E 63 3.92 -14.85 -16.29
C PHE E 63 4.52 -16.07 -16.98
N ALA E 64 5.43 -15.83 -17.94
CA ALA E 64 6.16 -16.93 -18.66
C ALA E 64 6.90 -17.81 -17.65
N MSE E 65 7.57 -17.18 -16.70
CA MSE E 65 8.25 -17.90 -15.61
C MSE E 65 7.33 -18.69 -14.65
O MSE E 65 7.68 -19.76 -14.22
CB MSE E 65 9.07 -16.94 -14.79
CG MSE E 65 10.31 -16.48 -15.54
SE MSE E 65 11.37 -15.21 -14.47
CE MSE E 65 10.33 -13.69 -14.53
N ILE E 66 6.18 -18.13 -14.31
CA ILE E 66 5.19 -18.87 -13.48
C ILE E 66 4.68 -20.14 -14.25
N ILE E 67 4.28 -19.98 -15.51
CA ILE E 67 3.82 -21.12 -16.34
C ILE E 67 4.90 -22.23 -16.43
N ASP E 68 6.15 -21.84 -16.71
CA ASP E 68 7.26 -22.78 -16.80
C ASP E 68 7.52 -23.52 -15.48
N LYS E 69 7.34 -22.82 -14.37
CA LYS E 69 7.51 -23.41 -13.06
C LYS E 69 6.38 -24.42 -12.79
N LEU E 70 5.18 -24.07 -13.19
CA LEU E 70 4.04 -24.93 -13.05
C LEU E 70 4.08 -26.17 -13.93
N GLU E 71 4.72 -26.04 -15.10
CA GLU E 71 4.96 -27.13 -16.05
C GLU E 71 5.86 -28.22 -15.53
N GLU E 72 6.95 -27.84 -14.86
CA GLU E 72 7.97 -28.72 -14.27
C GLU E 72 7.44 -29.90 -13.48
N VAL F 3 0.85 -32.82 -19.59
CA VAL F 3 1.31 -31.50 -19.03
C VAL F 3 0.43 -30.29 -19.43
N THR F 4 -0.88 -30.54 -19.59
CA THR F 4 -1.84 -29.47 -19.88
C THR F 4 -2.15 -28.63 -18.63
N LEU F 5 -1.59 -27.42 -18.61
CA LEU F 5 -1.88 -26.50 -17.55
C LEU F 5 -3.23 -25.94 -17.78
N THR F 6 -3.86 -25.58 -16.67
CA THR F 6 -4.95 -24.67 -16.64
C THR F 6 -4.55 -23.47 -15.78
N ILE F 7 -4.75 -22.28 -16.31
CA ILE F 7 -4.47 -21.03 -15.64
C ILE F 7 -5.83 -20.31 -15.53
N ARG F 8 -6.04 -19.68 -14.37
CA ARG F 8 -7.24 -18.89 -14.07
C ARG F 8 -6.89 -17.43 -13.79
N LEU F 9 -7.55 -16.54 -14.52
CA LEU F 9 -7.30 -15.05 -14.38
C LEU F 9 -8.55 -14.47 -13.84
N LEU F 10 -8.39 -13.64 -12.80
CA LEU F 10 -9.50 -13.02 -12.09
C LEU F 10 -9.70 -11.65 -12.77
N MSE F 11 -10.82 -11.45 -13.47
CA MSE F 11 -11.06 -10.15 -14.09
C MSE F 11 -12.13 -9.30 -13.38
O MSE F 11 -13.11 -9.85 -12.85
CB MSE F 11 -11.50 -10.30 -15.54
CG MSE F 11 -10.65 -11.24 -16.32
SE MSE F 11 -8.79 -10.63 -16.60
CE MSE F 11 -9.21 -8.84 -17.20
N HIS F 12 -11.92 -7.98 -13.38
CA HIS F 12 -12.97 -7.03 -13.03
C HIS F 12 -14.01 -7.13 -14.15
N GLY F 13 -15.26 -7.25 -13.77
CA GLY F 13 -16.33 -7.18 -14.72
C GLY F 13 -16.23 -6.13 -15.81
N LYS F 14 -15.76 -4.93 -15.48
CA LYS F 14 -15.76 -3.82 -16.46
C LYS F 14 -14.73 -4.02 -17.60
N GLU F 15 -13.76 -4.94 -17.39
CA GLU F 15 -12.70 -5.34 -18.34
C GLU F 15 -13.12 -6.44 -19.29
N VAL F 16 -14.17 -7.20 -18.93
CA VAL F 16 -14.54 -8.44 -19.63
C VAL F 16 -15.38 -8.16 -20.90
N GLY F 17 -16.27 -7.18 -20.89
CA GLY F 17 -16.99 -6.79 -22.11
C GLY F 17 -16.02 -6.48 -23.27
N SER F 18 -14.86 -5.93 -22.96
CA SER F 18 -13.85 -5.62 -23.97
C SER F 18 -13.16 -6.88 -24.57
N ILE F 19 -13.06 -7.93 -23.76
CA ILE F 19 -12.33 -9.14 -24.13
C ILE F 19 -13.22 -10.01 -25.01
N ILE F 20 -14.51 -10.05 -24.68
CA ILE F 20 -15.50 -10.79 -25.47
C ILE F 20 -15.75 -10.05 -26.78
N GLY F 21 -16.10 -8.76 -26.66
CA GLY F 21 -16.37 -7.90 -27.82
C GLY F 21 -17.83 -7.91 -28.18
N LYS F 22 -18.28 -6.93 -28.96
CA LYS F 22 -19.61 -6.96 -29.58
C LYS F 22 -19.83 -8.31 -30.28
N LYS F 23 -20.95 -8.94 -29.95
CA LYS F 23 -21.35 -10.25 -30.48
C LYS F 23 -20.34 -11.40 -30.20
N GLY F 24 -19.36 -11.12 -29.35
CA GLY F 24 -18.32 -12.07 -29.05
C GLY F 24 -17.14 -12.16 -30.04
N GLU F 25 -16.96 -11.17 -30.91
CA GLU F 25 -15.95 -11.27 -32.00
C GLU F 25 -14.51 -11.21 -31.56
N SER F 26 -14.24 -10.36 -30.58
CA SER F 26 -12.89 -10.28 -30.08
C SER F 26 -12.40 -11.60 -29.49
N VAL F 27 -13.17 -12.24 -28.58
CA VAL F 27 -12.69 -13.51 -28.00
C VAL F 27 -12.62 -14.67 -28.98
N LYS F 28 -13.51 -14.66 -29.99
CA LYS F 28 -13.54 -15.62 -31.09
C LYS F 28 -12.21 -15.72 -31.81
N LYS F 29 -11.66 -14.54 -32.11
CA LYS F 29 -10.30 -14.35 -32.62
C LYS F 29 -9.20 -14.97 -31.70
N MSE F 30 -9.24 -14.68 -30.40
CA MSE F 30 -8.34 -15.38 -29.45
C MSE F 30 -8.48 -16.91 -29.41
O MSE F 30 -7.48 -17.60 -29.41
CB MSE F 30 -8.49 -14.87 -28.02
CG MSE F 30 -8.33 -13.42 -27.88
SE MSE F 30 -8.78 -12.84 -26.09
CE MSE F 30 -8.73 -10.90 -26.44
N ARG F 31 -9.71 -17.42 -29.39
CA ARG F 31 -9.99 -18.88 -29.45
C ARG F 31 -9.40 -19.59 -30.69
N GLU F 32 -9.50 -18.93 -31.85
CA GLU F 32 -8.96 -19.42 -33.13
C GLU F 32 -7.44 -19.25 -33.24
N GLU F 33 -6.97 -18.02 -33.03
CA GLU F 33 -5.54 -17.69 -33.13
C GLU F 33 -4.66 -18.33 -32.04
N SER F 34 -5.14 -18.46 -30.82
CA SER F 34 -4.18 -18.80 -29.75
C SER F 34 -3.89 -20.29 -29.62
N GLY F 35 -4.85 -21.13 -29.97
CA GLY F 35 -4.77 -22.56 -29.73
C GLY F 35 -4.93 -22.98 -28.27
N ALA F 36 -5.46 -22.07 -27.43
CA ALA F 36 -5.82 -22.41 -26.04
C ALA F 36 -7.33 -22.59 -25.90
N ARG F 37 -7.76 -23.51 -25.04
CA ARG F 37 -9.17 -23.53 -24.62
C ARG F 37 -9.43 -22.36 -23.67
N ILE F 38 -10.41 -21.53 -24.03
CA ILE F 38 -10.72 -20.31 -23.23
C ILE F 38 -12.16 -20.38 -22.70
N ASN F 39 -12.32 -20.24 -21.40
CA ASN F 39 -13.64 -20.25 -20.83
C ASN F 39 -13.79 -18.96 -20.05
N ILE F 40 -14.88 -18.23 -20.29
CA ILE F 40 -15.16 -17.05 -19.47
C ILE F 40 -16.40 -17.34 -18.61
N SER F 41 -16.26 -17.16 -17.31
CA SER F 41 -17.41 -17.47 -16.41
C SER F 41 -18.61 -16.60 -16.76
N GLU F 42 -19.77 -17.06 -16.34
CA GLU F 42 -21.01 -16.44 -16.76
C GLU F 42 -21.34 -15.09 -16.15
N GLY F 43 -21.10 -14.95 -14.85
CA GLY F 43 -21.86 -13.99 -14.05
C GLY F 43 -21.81 -12.56 -14.57
N ASN F 44 -22.92 -11.82 -14.47
CA ASN F 44 -22.94 -10.34 -14.70
C ASN F 44 -21.99 -9.60 -13.75
N CYS F 45 -20.89 -10.30 -13.42
CA CYS F 45 -20.33 -10.34 -12.07
C CYS F 45 -19.17 -9.37 -11.77
N PRO F 46 -19.13 -8.78 -10.54
CA PRO F 46 -18.04 -7.86 -10.25
C PRO F 46 -16.71 -8.52 -10.40
N GLU F 47 -16.70 -9.86 -10.27
CA GLU F 47 -15.52 -10.70 -10.49
C GLU F 47 -15.75 -11.89 -11.45
N ARG F 48 -15.07 -11.89 -12.60
CA ARG F 48 -15.12 -12.99 -13.53
C ARG F 48 -13.79 -13.76 -13.58
N ILE F 49 -13.86 -14.98 -14.08
CA ILE F 49 -12.71 -15.91 -14.14
C ILE F 49 -12.60 -16.31 -15.59
N ILE F 50 -11.44 -16.04 -16.16
CA ILE F 50 -11.05 -16.55 -17.47
C ILE F 50 -10.11 -17.70 -17.24
N THR F 51 -10.51 -18.86 -17.73
CA THR F 51 -9.66 -20.06 -17.74
C THR F 51 -9.06 -20.29 -19.11
N LEU F 52 -7.72 -20.44 -19.07
CA LEU F 52 -6.88 -20.73 -20.20
C LEU F 52 -6.27 -22.12 -20.02
N ALA F 53 -6.48 -23.00 -21.00
CA ALA F 53 -5.97 -24.36 -20.93
C ALA F 53 -5.40 -24.74 -22.32
N GLY F 54 -4.52 -25.73 -22.35
CA GLY F 54 -3.72 -26.04 -23.53
C GLY F 54 -2.22 -26.11 -23.29
N PRO F 55 -1.44 -26.32 -24.39
CA PRO F 55 0.02 -26.20 -24.38
C PRO F 55 0.47 -24.82 -23.86
N THR F 56 1.54 -24.79 -23.08
CA THR F 56 2.03 -23.55 -22.43
C THR F 56 2.19 -22.34 -23.35
N ASN F 57 2.59 -22.57 -24.59
CA ASN F 57 2.81 -21.52 -25.58
C ASN F 57 1.46 -21.00 -26.07
N ALA F 58 0.45 -21.86 -26.04
CA ALA F 58 -0.93 -21.44 -26.39
C ALA F 58 -1.56 -20.60 -25.28
N ILE F 59 -1.27 -20.99 -24.03
CA ILE F 59 -1.63 -20.21 -22.84
C ILE F 59 -0.91 -18.86 -22.84
N PHE F 60 0.38 -18.86 -23.17
CA PHE F 60 1.07 -17.59 -23.26
C PHE F 60 0.48 -16.68 -24.38
N LYS F 61 0.15 -17.22 -25.57
CA LYS F 61 -0.51 -16.48 -26.69
C LYS F 61 -1.85 -15.85 -26.35
N ALA F 62 -2.70 -16.63 -25.68
CA ALA F 62 -3.98 -16.14 -25.16
C ALA F 62 -3.82 -15.06 -24.11
N PHE F 63 -2.99 -15.27 -23.11
CA PHE F 63 -2.59 -14.20 -22.17
C PHE F 63 -2.14 -12.93 -22.89
N ALA F 64 -1.28 -13.04 -23.89
CA ALA F 64 -0.82 -11.84 -24.58
C ALA F 64 -1.93 -11.12 -25.36
N MSE F 65 -2.87 -11.87 -25.92
CA MSE F 65 -4.03 -11.29 -26.59
C MSE F 65 -5.01 -10.70 -25.58
O MSE F 65 -5.73 -9.78 -25.91
CB MSE F 65 -4.71 -12.28 -27.51
CG MSE F 65 -3.78 -12.82 -28.54
SE MSE F 65 -4.53 -14.31 -29.55
CE MSE F 65 -5.65 -13.25 -30.80
N ILE F 66 -5.03 -11.19 -24.35
CA ILE F 66 -5.79 -10.54 -23.30
C ILE F 66 -5.11 -9.24 -22.81
N ILE F 67 -3.81 -9.28 -22.54
CA ILE F 67 -3.09 -8.04 -22.26
C ILE F 67 -3.29 -7.03 -23.43
N ASP F 68 -3.14 -7.49 -24.67
CA ASP F 68 -3.39 -6.67 -25.88
C ASP F 68 -4.74 -5.92 -25.78
N LYS F 69 -5.81 -6.61 -25.39
CA LYS F 69 -7.12 -5.94 -25.19
C LYS F 69 -7.16 -5.00 -23.98
N LEU F 70 -6.69 -5.46 -22.83
CA LEU F 70 -6.62 -4.61 -21.63
C LEU F 70 -5.81 -3.32 -21.85
N GLU F 71 -4.84 -3.36 -22.75
CA GLU F 71 -4.04 -2.17 -23.02
C GLU F 71 -4.67 -1.07 -23.86
N GLU F 72 -5.65 -1.42 -24.68
CA GLU F 72 -6.40 -0.45 -25.49
C GLU F 72 -7.20 0.60 -24.65
#